data_2B1R
#
_entry.id   2B1R
#
_cell.length_a   68.68
_cell.length_b   68.68
_cell.length_c   268.71
_cell.angle_alpha   90
_cell.angle_beta   90
_cell.angle_gamma   120
#
_symmetry.space_group_name_H-M   'P 65 2 2'
#
loop_
_entity.id
_entity.type
_entity.pdbx_description
1 polymer 'hypothetical protein slr0953'
2 branched beta-D-glucopyranose-(1-4)-beta-D-glucopyranose
3 non-polymer 'MAGNESIUM ION'
4 water water
#
_entity_poly.entity_id   1
_entity_poly.type   'polypeptide(L)'
_entity_poly.pdbx_seq_one_letter_code
;MRQLLLISDLDNTWVGDQQALEHLQEYLGDRRGNFYLAYATGRSYHSARELQKQVGLMEPDYWLTAVGSEIYHPEGLDQH
WADYLSEHWQRDILQAIADGFEALKPQSPLEQNPWKISYHLDPQACPTVIDQLTEMLKETGIPVQVIFSSGKDVDLLPQR
SNKGNATQYLQQHLAMEPSQTLVCGDSGNDIGLFETSARGVIVRNAQPELLHWYDQWGDSRHYRAQSSHAGAILEAIAHF
DFLS
;
_entity_poly.pdbx_strand_id   A
#
loop_
_chem_comp.id
_chem_comp.type
_chem_comp.name
_chem_comp.formula
BGC D-saccharide, beta linking beta-D-glucopyranose 'C6 H12 O6'
MG non-polymer 'MAGNESIUM ION' 'Mg 2'
#
# COMPACT_ATOMS: atom_id res chain seq x y z
N MET A 1 -9.27 -11.55 -17.03
CA MET A 1 -9.78 -12.89 -17.43
C MET A 1 -9.76 -13.89 -16.27
N ARG A 2 -9.38 -13.42 -15.09
CA ARG A 2 -9.36 -14.30 -13.92
C ARG A 2 -10.48 -13.89 -12.98
N GLN A 3 -10.82 -14.74 -12.02
CA GLN A 3 -11.91 -14.40 -11.12
C GLN A 3 -11.54 -13.51 -9.95
N LEU A 4 -10.24 -13.39 -9.66
CA LEU A 4 -9.81 -12.54 -8.54
C LEU A 4 -8.52 -11.76 -8.77
N LEU A 5 -8.51 -10.54 -8.26
CA LEU A 5 -7.35 -9.67 -8.30
C LEU A 5 -7.05 -9.45 -6.81
N LEU A 6 -5.99 -10.09 -6.34
CA LEU A 6 -5.59 -10.00 -4.95
C LEU A 6 -4.43 -9.04 -4.75
N ILE A 7 -4.66 -8.02 -3.94
CA ILE A 7 -3.66 -7.00 -3.66
C ILE A 7 -3.44 -6.92 -2.16
N SER A 8 -2.20 -7.08 -1.74
CA SER A 8 -1.92 -7.08 -0.32
C SER A 8 -0.60 -6.45 0.05
N ASP A 9 -0.58 -5.82 1.22
CA ASP A 9 0.64 -5.23 1.72
C ASP A 9 1.43 -6.44 2.21
N LEU A 10 2.71 -6.25 2.51
CA LEU A 10 3.53 -7.36 2.97
C LEU A 10 3.78 -7.38 4.48
N ASP A 11 4.60 -6.46 4.96
CA ASP A 11 4.90 -6.40 6.39
C ASP A 11 3.64 -6.31 7.23
N ASN A 12 3.51 -7.25 8.17
CA ASN A 12 2.38 -7.31 9.09
C ASN A 12 1.04 -7.65 8.47
N THR A 13 1.03 -7.88 7.17
CA THR A 13 -0.20 -8.23 6.48
C THR A 13 0.00 -9.64 5.96
N TRP A 14 0.65 -9.75 4.81
CA TRP A 14 0.93 -11.05 4.22
C TRP A 14 2.04 -11.72 5.06
N VAL A 15 2.96 -10.92 5.55
CA VAL A 15 4.10 -11.38 6.35
C VAL A 15 3.95 -11.05 7.84
N GLY A 16 4.56 -11.87 8.69
CA GLY A 16 4.48 -11.65 10.13
C GLY A 16 4.18 -12.93 10.89
N ASP A 17 3.34 -13.77 10.31
CA ASP A 17 2.97 -15.06 10.90
C ASP A 17 3.35 -16.10 9.85
N GLN A 18 4.54 -16.69 10.00
CA GLN A 18 5.04 -17.65 9.02
C GLN A 18 4.09 -18.83 8.77
N GLN A 19 3.49 -19.38 9.81
CA GLN A 19 2.58 -20.50 9.62
C GLN A 19 1.40 -20.07 8.75
N ALA A 20 0.83 -18.90 9.05
CA ALA A 20 -0.31 -18.41 8.31
C ALA A 20 0.09 -18.08 6.87
N LEU A 21 1.29 -17.52 6.72
CA LEU A 21 1.76 -17.19 5.38
C LEU A 21 1.82 -18.48 4.57
N GLU A 22 2.38 -19.52 5.17
CA GLU A 22 2.51 -20.79 4.50
C GLU A 22 1.20 -21.47 4.14
N HIS A 23 0.22 -21.50 5.05
CA HIS A 23 -1.02 -22.14 4.63
C HIS A 23 -1.81 -21.27 3.64
N LEU A 24 -1.58 -19.97 3.65
CA LEU A 24 -2.26 -19.10 2.70
C LEU A 24 -1.68 -19.40 1.31
N GLN A 25 -0.36 -19.51 1.23
CA GLN A 25 0.29 -19.78 -0.05
C GLN A 25 0.00 -21.20 -0.54
N GLU A 26 -0.20 -22.15 0.37
CA GLU A 26 -0.52 -23.51 -0.02
C GLU A 26 -1.88 -23.52 -0.68
N TYR A 27 -2.84 -22.86 -0.04
CA TYR A 27 -4.18 -22.76 -0.58
C TYR A 27 -4.18 -22.09 -1.95
N LEU A 28 -3.59 -20.90 -2.02
CA LEU A 28 -3.53 -20.15 -3.27
C LEU A 28 -2.73 -20.92 -4.32
N GLY A 29 -1.70 -21.64 -3.85
CA GLY A 29 -0.85 -22.42 -4.75
C GLY A 29 -1.59 -23.51 -5.49
N ASP A 30 -2.77 -23.89 -5.01
CA ASP A 30 -3.54 -24.93 -5.69
C ASP A 30 -4.50 -24.42 -6.74
N ARG A 31 -4.56 -23.11 -6.92
CA ARG A 31 -5.44 -22.51 -7.91
C ARG A 31 -4.81 -21.22 -8.44
N ARG A 32 -3.50 -21.26 -8.64
CA ARG A 32 -2.73 -20.11 -9.10
C ARG A 32 -3.26 -19.41 -10.35
N GLY A 33 -3.80 -20.19 -11.29
CA GLY A 33 -4.31 -19.60 -12.51
C GLY A 33 -5.62 -18.86 -12.37
N ASN A 34 -6.23 -18.95 -11.19
CA ASN A 34 -7.51 -18.29 -10.95
C ASN A 34 -7.46 -16.87 -10.41
N PHE A 35 -6.26 -16.34 -10.19
CA PHE A 35 -6.16 -14.97 -9.69
C PHE A 35 -4.88 -14.26 -10.08
N TYR A 36 -4.94 -12.93 -10.11
CA TYR A 36 -3.76 -12.12 -10.40
C TYR A 36 -3.31 -11.69 -9.00
N LEU A 37 -2.00 -11.72 -8.76
CA LEU A 37 -1.49 -11.33 -7.46
C LEU A 37 -0.57 -10.12 -7.56
N ALA A 38 -0.77 -9.17 -6.65
CA ALA A 38 0.04 -7.97 -6.61
C ALA A 38 0.37 -7.61 -5.17
N TYR A 39 1.64 -7.35 -4.91
CA TYR A 39 2.04 -6.94 -3.58
C TYR A 39 2.13 -5.42 -3.64
N ALA A 40 1.37 -4.75 -2.77
CA ALA A 40 1.35 -3.30 -2.69
C ALA A 40 2.03 -2.96 -1.37
N THR A 41 3.33 -2.70 -1.45
CA THR A 41 4.15 -2.45 -0.28
C THR A 41 4.79 -1.07 -0.21
N GLY A 42 5.16 -0.67 1.01
CA GLY A 42 5.80 0.61 1.23
C GLY A 42 7.27 0.47 0.90
N ARG A 43 7.73 -0.78 0.79
CA ARG A 43 9.12 -1.09 0.47
C ARG A 43 9.48 -0.85 -0.99
N SER A 44 10.75 -0.58 -1.23
CA SER A 44 11.26 -0.38 -2.58
C SER A 44 11.20 -1.76 -3.22
N TYR A 45 11.35 -1.82 -4.54
CA TYR A 45 11.32 -3.10 -5.24
C TYR A 45 12.41 -4.03 -4.72
N HIS A 46 13.62 -3.49 -4.60
CA HIS A 46 14.77 -4.26 -4.12
C HIS A 46 14.52 -4.83 -2.73
N SER A 47 13.97 -4.00 -1.85
CA SER A 47 13.68 -4.44 -0.48
C SER A 47 12.60 -5.52 -0.48
N ALA A 48 11.59 -5.36 -1.33
CA ALA A 48 10.52 -6.34 -1.42
C ALA A 48 11.06 -7.67 -1.92
N ARG A 49 11.98 -7.61 -2.90
CA ARG A 49 12.59 -8.81 -3.46
C ARG A 49 13.42 -9.50 -2.39
N GLU A 50 14.04 -8.70 -1.54
CA GLU A 50 14.85 -9.25 -0.47
C GLU A 50 13.94 -9.96 0.54
N LEU A 51 12.79 -9.35 0.85
CA LEU A 51 11.86 -9.95 1.79
C LEU A 51 11.35 -11.28 1.24
N GLN A 52 11.11 -11.33 -0.08
CA GLN A 52 10.63 -12.55 -0.71
C GLN A 52 11.58 -13.72 -0.44
N LYS A 53 12.89 -13.45 -0.51
CA LYS A 53 13.89 -14.50 -0.26
C LYS A 53 13.91 -14.91 1.20
N GLN A 54 13.67 -13.94 2.09
CA GLN A 54 13.70 -14.21 3.51
C GLN A 54 12.54 -15.09 4.00
N VAL A 55 11.32 -14.82 3.55
CA VAL A 55 10.17 -15.59 3.99
C VAL A 55 9.54 -16.52 2.94
N GLY A 56 10.12 -16.54 1.75
CA GLY A 56 9.59 -17.40 0.70
C GLY A 56 8.27 -16.92 0.11
N LEU A 57 8.19 -15.64 -0.21
CA LEU A 57 6.97 -15.08 -0.80
C LEU A 57 6.71 -15.66 -2.17
N MET A 58 5.47 -16.04 -2.45
CA MET A 58 5.17 -16.59 -3.76
C MET A 58 5.27 -15.46 -4.77
N GLU A 59 5.64 -15.81 -6.00
CA GLU A 59 5.81 -14.84 -7.06
C GLU A 59 4.50 -14.18 -7.47
N PRO A 60 4.44 -12.84 -7.37
CA PRO A 60 3.21 -12.12 -7.73
C PRO A 60 3.22 -11.84 -9.23
N ASP A 61 2.11 -11.36 -9.76
CA ASP A 61 2.06 -11.02 -11.17
C ASP A 61 2.60 -9.59 -11.31
N TYR A 62 2.39 -8.79 -10.26
CA TYR A 62 2.83 -7.40 -10.25
C TYR A 62 3.33 -6.97 -8.88
N TRP A 63 4.16 -5.93 -8.87
CA TRP A 63 4.69 -5.37 -7.65
C TRP A 63 4.36 -3.87 -7.65
N LEU A 64 3.57 -3.43 -6.67
CA LEU A 64 3.23 -2.02 -6.55
C LEU A 64 4.08 -1.58 -5.37
N THR A 65 5.29 -1.11 -5.66
CA THR A 65 6.24 -0.73 -4.62
C THR A 65 6.25 0.73 -4.21
N ALA A 66 6.98 0.99 -3.12
CA ALA A 66 7.13 2.32 -2.57
C ALA A 66 5.81 3.07 -2.53
N VAL A 67 4.81 2.42 -1.92
CA VAL A 67 3.47 2.97 -1.76
C VAL A 67 2.81 3.29 -3.10
N GLY A 68 3.07 2.44 -4.09
CA GLY A 68 2.48 2.65 -5.40
C GLY A 68 3.17 3.70 -6.26
N SER A 69 4.36 4.14 -5.85
CA SER A 69 5.06 5.14 -6.64
C SER A 69 5.76 4.48 -7.83
N GLU A 70 5.96 3.17 -7.73
CA GLU A 70 6.59 2.40 -8.80
C GLU A 70 5.81 1.10 -9.03
N ILE A 71 5.56 0.79 -10.28
CA ILE A 71 4.84 -0.43 -10.63
C ILE A 71 5.71 -1.31 -11.52
N TYR A 72 5.90 -2.56 -11.11
CA TYR A 72 6.70 -3.49 -11.90
C TYR A 72 5.88 -4.59 -12.51
N HIS A 73 5.98 -4.75 -13.83
CA HIS A 73 5.27 -5.78 -14.55
C HIS A 73 6.25 -6.94 -14.66
N PRO A 74 5.76 -8.13 -15.07
CA PRO A 74 6.68 -9.26 -15.19
C PRO A 74 7.83 -8.87 -16.10
N GLU A 75 7.56 -7.99 -17.05
CA GLU A 75 8.55 -7.52 -18.02
C GLU A 75 9.41 -6.35 -17.52
N GLY A 76 9.00 -5.72 -16.43
CA GLY A 76 9.78 -4.60 -15.90
C GLY A 76 9.00 -3.38 -15.42
N LEU A 77 9.73 -2.31 -15.10
CA LEU A 77 9.14 -1.08 -14.61
C LEU A 77 8.16 -0.45 -15.59
N ASP A 78 7.03 0.02 -15.07
CA ASP A 78 6.00 0.64 -15.90
C ASP A 78 6.37 2.09 -16.18
N GLN A 79 6.90 2.35 -17.37
CA GLN A 79 7.31 3.70 -17.73
C GLN A 79 6.13 4.64 -17.92
N HIS A 80 4.98 4.11 -18.32
CA HIS A 80 3.80 4.95 -18.50
C HIS A 80 3.39 5.53 -17.15
N TRP A 81 3.40 4.66 -16.13
CA TRP A 81 3.03 5.05 -14.78
C TRP A 81 3.99 6.14 -14.27
N ALA A 82 5.29 5.93 -14.49
CA ALA A 82 6.29 6.88 -14.05
C ALA A 82 6.07 8.26 -14.67
N ASP A 83 5.82 8.31 -15.98
CA ASP A 83 5.58 9.58 -16.64
C ASP A 83 4.30 10.24 -16.14
N TYR A 84 3.29 9.41 -15.90
CA TYR A 84 2.01 9.89 -15.40
C TYR A 84 2.21 10.55 -14.03
N LEU A 85 3.04 9.93 -13.19
CA LEU A 85 3.30 10.46 -11.85
C LEU A 85 4.22 11.69 -11.86
N SER A 86 5.07 11.78 -12.88
CA SER A 86 6.00 12.91 -13.00
C SER A 86 5.34 14.23 -13.41
N GLU A 87 4.17 14.12 -14.02
CA GLU A 87 3.45 15.31 -14.48
C GLU A 87 3.06 16.28 -13.36
N HIS A 88 3.60 17.49 -13.41
CA HIS A 88 3.31 18.53 -12.41
C HIS A 88 3.92 18.28 -11.03
N TRP A 89 4.66 17.18 -10.90
CA TRP A 89 5.29 16.85 -9.62
C TRP A 89 6.55 17.70 -9.44
N GLN A 90 6.74 18.24 -8.23
CA GLN A 90 7.90 19.09 -7.92
C GLN A 90 8.57 18.57 -6.64
N ARG A 91 9.41 17.55 -6.78
CA ARG A 91 10.06 16.96 -5.62
C ARG A 91 10.90 17.91 -4.79
N ASP A 92 11.75 18.70 -5.44
CA ASP A 92 12.65 19.61 -4.72
C ASP A 92 11.92 20.62 -3.83
N ILE A 93 10.89 21.26 -4.38
CA ILE A 93 10.14 22.23 -3.61
C ILE A 93 9.51 21.57 -2.38
N LEU A 94 8.86 20.43 -2.57
CA LEU A 94 8.22 19.71 -1.49
C LEU A 94 9.23 19.29 -0.42
N GLN A 95 10.40 18.82 -0.87
CA GLN A 95 11.45 18.38 0.04
C GLN A 95 11.98 19.54 0.88
N ALA A 96 12.17 20.68 0.22
CA ALA A 96 12.68 21.85 0.92
C ALA A 96 11.74 22.18 2.08
N ILE A 97 10.44 22.13 1.83
CA ILE A 97 9.45 22.42 2.85
C ILE A 97 9.46 21.40 3.97
N ALA A 98 9.42 20.11 3.62
CA ALA A 98 9.43 19.06 4.62
C ALA A 98 10.71 19.07 5.44
N ASP A 99 11.85 19.29 4.78
CA ASP A 99 13.14 19.31 5.46
C ASP A 99 13.18 20.39 6.54
N GLY A 100 12.33 21.40 6.39
CA GLY A 100 12.28 22.50 7.35
C GLY A 100 11.58 22.25 8.68
N PHE A 101 10.94 21.09 8.83
CA PHE A 101 10.25 20.76 10.07
C PHE A 101 11.21 20.03 11.01
N GLU A 102 11.47 20.63 12.16
CA GLU A 102 12.38 20.05 13.14
C GLU A 102 11.99 18.65 13.60
N ALA A 103 10.69 18.38 13.67
CA ALA A 103 10.19 17.08 14.12
C ALA A 103 10.35 15.97 13.09
N LEU A 104 10.77 16.34 11.88
CA LEU A 104 10.96 15.37 10.82
C LEU A 104 12.42 15.09 10.53
N LYS A 105 12.76 13.82 10.40
CA LYS A 105 14.12 13.41 10.07
C LYS A 105 14.02 12.57 8.80
N PRO A 106 14.84 12.88 7.80
CA PRO A 106 14.78 12.12 6.55
C PRO A 106 15.00 10.64 6.77
N GLN A 107 14.29 9.81 6.01
CA GLN A 107 14.49 8.37 6.09
C GLN A 107 15.71 8.15 5.21
N SER A 108 16.29 6.96 5.27
CA SER A 108 17.48 6.66 4.47
C SER A 108 17.28 6.88 2.97
N PRO A 109 18.36 7.25 2.27
CA PRO A 109 18.32 7.50 0.83
C PRO A 109 17.66 6.37 0.05
N LEU A 110 17.88 5.13 0.48
CA LEU A 110 17.33 3.97 -0.20
C LEU A 110 15.81 3.85 -0.09
N GLU A 111 15.20 4.69 0.75
CA GLU A 111 13.76 4.67 0.91
C GLU A 111 13.15 5.75 0.02
N GLN A 112 14.01 6.52 -0.63
CA GLN A 112 13.57 7.62 -1.49
C GLN A 112 13.59 7.22 -2.96
N ASN A 113 12.76 7.90 -3.76
CA ASN A 113 12.75 7.70 -5.20
C ASN A 113 12.20 8.99 -5.79
N PRO A 114 12.26 9.15 -7.12
CA PRO A 114 11.76 10.38 -7.75
C PRO A 114 10.37 10.85 -7.33
N TRP A 115 9.50 9.91 -6.97
CA TRP A 115 8.14 10.24 -6.59
C TRP A 115 7.83 9.94 -5.12
N LYS A 116 8.87 9.81 -4.30
CA LYS A 116 8.65 9.50 -2.90
C LYS A 116 9.68 10.17 -1.99
N ILE A 117 9.18 10.99 -1.08
CA ILE A 117 10.01 11.71 -0.11
C ILE A 117 9.55 11.23 1.25
N SER A 118 10.42 10.54 1.97
CA SER A 118 10.00 10.00 3.26
C SER A 118 10.79 10.44 4.47
N TYR A 119 10.08 10.56 5.58
CA TYR A 119 10.64 10.99 6.85
C TYR A 119 10.12 10.14 8.00
N HIS A 120 10.72 10.36 9.16
CA HIS A 120 10.34 9.69 10.39
C HIS A 120 9.95 10.82 11.34
N LEU A 121 8.79 10.69 11.97
CA LEU A 121 8.32 11.71 12.91
C LEU A 121 8.93 11.42 14.28
N ASP A 122 9.47 12.45 14.91
CA ASP A 122 10.07 12.31 16.25
C ASP A 122 9.02 11.72 17.21
N PRO A 123 9.39 10.67 17.94
CA PRO A 123 8.46 10.03 18.90
C PRO A 123 7.99 10.99 19.98
N GLN A 124 8.78 12.03 20.23
CA GLN A 124 8.46 13.03 21.25
C GLN A 124 7.66 14.19 20.71
N ALA A 125 7.57 14.28 19.39
CA ALA A 125 6.83 15.37 18.76
C ALA A 125 5.33 15.09 18.72
N CYS A 126 4.55 16.16 18.60
CA CYS A 126 3.10 16.07 18.54
C CYS A 126 2.66 15.76 17.10
N PRO A 127 1.89 14.67 16.91
CA PRO A 127 1.39 14.25 15.60
C PRO A 127 0.69 15.36 14.83
N THR A 128 0.24 16.37 15.55
CA THR A 128 -0.43 17.52 14.95
C THR A 128 0.45 18.16 13.88
N VAL A 129 1.76 17.98 14.03
CA VAL A 129 2.71 18.54 13.07
C VAL A 129 2.43 18.04 11.65
N ILE A 130 1.91 16.81 11.55
CA ILE A 130 1.59 16.24 10.26
C ILE A 130 0.51 17.07 9.57
N ASP A 131 -0.45 17.55 10.36
CA ASP A 131 -1.53 18.38 9.82
C ASP A 131 -0.95 19.68 9.27
N GLN A 132 -0.04 20.28 10.03
CA GLN A 132 0.59 21.53 9.62
C GLN A 132 1.38 21.31 8.33
N LEU A 133 2.13 20.22 8.29
CA LEU A 133 2.92 19.88 7.11
C LEU A 133 2.02 19.72 5.88
N THR A 134 0.98 18.91 6.03
CA THR A 134 0.03 18.65 4.95
C THR A 134 -0.53 19.95 4.38
N GLU A 135 -1.08 20.79 5.25
CA GLU A 135 -1.64 22.06 4.82
C GLU A 135 -0.61 22.90 4.07
N MET A 136 0.58 23.03 4.65
CA MET A 136 1.65 23.81 4.05
C MET A 136 2.03 23.28 2.67
N LEU A 137 2.12 21.96 2.55
CA LEU A 137 2.47 21.35 1.27
C LEU A 137 1.36 21.55 0.24
N LYS A 138 0.12 21.33 0.67
CA LYS A 138 -1.03 21.49 -0.22
C LYS A 138 -1.11 22.89 -0.81
N GLU A 139 -0.87 23.88 0.03
CA GLU A 139 -0.95 25.27 -0.40
C GLU A 139 0.08 25.66 -1.47
N THR A 140 1.01 24.76 -1.76
CA THR A 140 1.99 25.06 -2.80
C THR A 140 1.31 24.90 -4.15
N GLY A 141 0.17 24.20 -4.16
CA GLY A 141 -0.53 23.99 -5.42
C GLY A 141 0.00 22.78 -6.17
N ILE A 142 1.11 22.22 -5.68
CA ILE A 142 1.70 21.05 -6.30
C ILE A 142 0.84 19.86 -5.88
N PRO A 143 0.43 19.02 -6.84
CA PRO A 143 -0.41 17.86 -6.48
C PRO A 143 0.38 16.87 -5.61
N VAL A 144 0.19 16.98 -4.31
CA VAL A 144 0.89 16.13 -3.35
C VAL A 144 -0.06 15.58 -2.30
N GLN A 145 0.29 14.43 -1.75
CA GLN A 145 -0.50 13.83 -0.69
C GLN A 145 0.47 13.35 0.38
N VAL A 146 0.01 13.34 1.62
CA VAL A 146 0.84 12.92 2.75
C VAL A 146 0.34 11.60 3.33
N ILE A 147 1.23 10.62 3.45
CA ILE A 147 0.87 9.33 4.01
C ILE A 147 1.54 9.22 5.38
N PHE A 148 0.74 9.02 6.41
CA PHE A 148 1.24 8.90 7.78
C PHE A 148 0.83 7.53 8.32
N SER A 149 1.81 6.73 8.73
CA SER A 149 1.48 5.39 9.25
C SER A 149 2.37 4.94 10.40
N SER A 150 1.83 4.04 11.21
CA SER A 150 2.52 3.49 12.37
C SER A 150 2.95 4.60 13.31
N GLY A 151 2.29 5.74 13.20
CA GLY A 151 2.61 6.88 14.05
C GLY A 151 4.01 7.44 13.86
N LYS A 152 4.74 6.98 12.85
CA LYS A 152 6.11 7.46 12.64
C LYS A 152 6.55 7.68 11.20
N ASP A 153 6.02 6.90 10.26
CA ASP A 153 6.42 7.01 8.86
C ASP A 153 5.64 8.05 8.07
N VAL A 154 6.35 8.95 7.42
CA VAL A 154 5.73 10.01 6.61
C VAL A 154 6.21 9.93 5.18
N ASP A 155 5.27 9.79 4.25
CA ASP A 155 5.62 9.72 2.83
C ASP A 155 4.93 10.82 2.04
N LEU A 156 5.69 11.50 1.19
CA LEU A 156 5.15 12.55 0.34
C LEU A 156 5.12 11.98 -1.07
N LEU A 157 3.91 11.87 -1.63
CA LEU A 157 3.74 11.31 -2.96
C LEU A 157 2.85 12.18 -3.84
N PRO A 158 2.94 11.97 -5.17
CA PRO A 158 2.11 12.75 -6.09
C PRO A 158 0.68 12.35 -5.75
N GLN A 159 -0.28 13.24 -5.99
CA GLN A 159 -1.67 12.90 -5.68
C GLN A 159 -2.13 11.70 -6.52
N ARG A 160 -1.53 11.55 -7.71
CA ARG A 160 -1.89 10.46 -8.60
C ARG A 160 -1.39 9.10 -8.10
N SER A 161 -0.58 9.12 -7.04
CA SER A 161 -0.03 7.87 -6.52
C SER A 161 -0.79 7.29 -5.32
N ASN A 162 -0.08 6.47 -4.55
CA ASN A 162 -0.57 5.74 -3.38
C ASN A 162 -1.11 4.38 -3.84
N LYS A 163 -1.18 3.41 -2.94
CA LYS A 163 -1.61 2.05 -3.27
C LYS A 163 -2.96 1.94 -3.96
N GLY A 164 -3.92 2.76 -3.54
CA GLY A 164 -5.24 2.75 -4.13
C GLY A 164 -5.24 3.16 -5.60
N ASN A 165 -4.59 4.28 -5.92
CA ASN A 165 -4.54 4.73 -7.31
C ASN A 165 -3.79 3.74 -8.19
N ALA A 166 -2.72 3.16 -7.64
CA ALA A 166 -1.94 2.17 -8.38
C ALA A 166 -2.84 0.97 -8.65
N THR A 167 -3.65 0.62 -7.65
CA THR A 167 -4.57 -0.50 -7.76
C THR A 167 -5.61 -0.27 -8.87
N GLN A 168 -6.22 0.90 -8.88
CA GLN A 168 -7.22 1.21 -9.91
C GLN A 168 -6.59 1.17 -11.31
N TYR A 169 -5.34 1.60 -11.40
CA TYR A 169 -4.61 1.59 -12.67
C TYR A 169 -4.44 0.13 -13.11
N LEU A 170 -4.07 -0.72 -12.16
CA LEU A 170 -3.87 -2.14 -12.44
C LEU A 170 -5.20 -2.79 -12.86
N GLN A 171 -6.28 -2.45 -12.16
CA GLN A 171 -7.60 -2.98 -12.48
C GLN A 171 -7.95 -2.66 -13.93
N GLN A 172 -7.73 -1.41 -14.32
CA GLN A 172 -8.03 -0.99 -15.69
C GLN A 172 -7.13 -1.76 -16.66
N HIS A 173 -5.85 -1.87 -16.32
CA HIS A 173 -4.87 -2.57 -17.14
C HIS A 173 -5.27 -4.04 -17.36
N LEU A 174 -5.84 -4.66 -16.33
CA LEU A 174 -6.24 -6.06 -16.39
C LEU A 174 -7.71 -6.28 -16.71
N ALA A 175 -8.47 -5.21 -16.87
CA ALA A 175 -9.90 -5.32 -17.15
C ALA A 175 -10.59 -6.09 -16.02
N MET A 176 -10.19 -5.83 -14.78
CA MET A 176 -10.77 -6.49 -13.62
C MET A 176 -11.67 -5.51 -12.87
N GLU A 177 -12.85 -5.99 -12.45
CA GLU A 177 -13.81 -5.16 -11.74
C GLU A 177 -13.53 -5.06 -10.24
N PRO A 178 -14.00 -3.98 -9.61
CA PRO A 178 -13.82 -3.77 -8.17
C PRO A 178 -14.42 -4.94 -7.40
N SER A 179 -15.54 -5.46 -7.89
CA SER A 179 -16.22 -6.58 -7.25
C SER A 179 -15.37 -7.85 -7.31
N GLN A 180 -14.38 -7.86 -8.21
CA GLN A 180 -13.49 -9.02 -8.37
C GLN A 180 -12.15 -8.73 -7.68
N THR A 181 -12.07 -7.60 -6.99
CA THR A 181 -10.83 -7.22 -6.34
C THR A 181 -10.88 -7.26 -4.82
N LEU A 182 -9.81 -7.76 -4.22
CA LEU A 182 -9.69 -7.80 -2.76
C LEU A 182 -8.37 -7.15 -2.35
N VAL A 183 -8.47 -6.08 -1.55
CA VAL A 183 -7.28 -5.39 -1.08
C VAL A 183 -7.10 -5.73 0.40
N CYS A 184 -5.85 -5.95 0.81
CA CYS A 184 -5.54 -6.32 2.18
C CYS A 184 -4.49 -5.37 2.77
N GLY A 185 -4.77 -4.83 3.96
CA GLY A 185 -3.83 -3.91 4.59
C GLY A 185 -3.82 -3.87 6.11
N ASP A 186 -2.90 -3.10 6.67
CA ASP A 186 -2.75 -3.02 8.12
C ASP A 186 -2.43 -1.61 8.65
N SER A 187 -2.10 -0.67 7.77
CA SER A 187 -1.73 0.66 8.25
C SER A 187 -2.18 1.84 7.42
N GLY A 188 -1.69 3.02 7.81
CA GLY A 188 -2.02 4.25 7.12
C GLY A 188 -1.63 4.28 5.66
N ASN A 189 -0.59 3.55 5.27
CA ASN A 189 -0.20 3.56 3.87
C ASN A 189 -1.07 2.62 3.03
N ASP A 190 -2.11 2.08 3.66
CA ASP A 190 -3.07 1.19 3.00
C ASP A 190 -4.43 1.86 2.84
N ILE A 191 -4.62 2.99 3.50
CA ILE A 191 -5.89 3.70 3.44
C ILE A 191 -6.33 3.94 1.99
N GLY A 192 -5.37 4.24 1.11
CA GLY A 192 -5.70 4.46 -0.28
C GLY A 192 -6.37 3.22 -0.87
N LEU A 193 -5.98 2.03 -0.40
CA LEU A 193 -6.57 0.79 -0.89
C LEU A 193 -8.05 0.72 -0.55
N PHE A 194 -8.38 1.09 0.68
CA PHE A 194 -9.77 1.03 1.11
C PHE A 194 -10.62 2.16 0.54
N GLU A 195 -9.96 3.18 0.00
CA GLU A 195 -10.68 4.29 -0.61
C GLU A 195 -11.23 3.84 -1.98
N THR A 196 -10.68 2.76 -2.53
CA THR A 196 -11.16 2.25 -3.82
C THR A 196 -12.45 1.46 -3.60
N SER A 197 -13.08 1.08 -4.70
CA SER A 197 -14.33 0.32 -4.66
C SER A 197 -14.13 -1.17 -4.46
N ALA A 198 -12.88 -1.59 -4.33
CA ALA A 198 -12.59 -3.01 -4.16
C ALA A 198 -13.05 -3.52 -2.80
N ARG A 199 -13.18 -4.83 -2.68
CA ARG A 199 -13.55 -5.43 -1.41
C ARG A 199 -12.26 -5.32 -0.61
N GLY A 200 -12.37 -5.12 0.69
CA GLY A 200 -11.16 -4.99 1.47
C GLY A 200 -11.19 -5.69 2.81
N VAL A 201 -10.01 -6.05 3.28
CA VAL A 201 -9.88 -6.70 4.57
C VAL A 201 -8.81 -5.99 5.38
N ILE A 202 -9.18 -5.64 6.60
CA ILE A 202 -8.28 -4.97 7.53
C ILE A 202 -7.86 -6.06 8.50
N VAL A 203 -6.56 -6.33 8.59
CA VAL A 203 -6.07 -7.36 9.50
C VAL A 203 -6.34 -7.01 10.95
N ARG A 204 -6.50 -8.04 11.78
CA ARG A 204 -6.76 -7.87 13.20
C ARG A 204 -5.66 -7.06 13.89
N ASN A 205 -4.42 -7.29 13.47
CA ASN A 205 -3.26 -6.60 14.05
C ASN A 205 -3.00 -5.25 13.39
N ALA A 206 -4.05 -4.65 12.83
CA ALA A 206 -3.91 -3.36 12.15
C ALA A 206 -3.49 -2.22 13.08
N GLN A 207 -2.80 -1.24 12.50
CA GLN A 207 -2.34 -0.05 13.23
C GLN A 207 -3.52 0.84 13.59
N PRO A 208 -3.38 1.64 14.66
CA PRO A 208 -4.43 2.55 15.14
C PRO A 208 -5.06 3.45 14.07
N GLU A 209 -4.24 4.07 13.24
CA GLU A 209 -4.76 4.97 12.22
C GLU A 209 -5.68 4.30 11.21
N LEU A 210 -5.41 3.04 10.88
CA LEU A 210 -6.28 2.34 9.94
C LEU A 210 -7.61 2.00 10.61
N LEU A 211 -7.54 1.57 11.87
CA LEU A 211 -8.75 1.23 12.61
C LEU A 211 -9.61 2.50 12.74
N HIS A 212 -8.96 3.61 13.03
CA HIS A 212 -9.68 4.87 13.16
C HIS A 212 -10.34 5.20 11.82
N TRP A 213 -9.60 4.98 10.73
CA TRP A 213 -10.15 5.25 9.41
C TRP A 213 -11.41 4.43 9.18
N TYR A 214 -11.35 3.15 9.53
CA TYR A 214 -12.47 2.25 9.35
C TYR A 214 -13.72 2.69 10.10
N ASP A 215 -13.53 3.14 11.34
CA ASP A 215 -14.65 3.59 12.16
C ASP A 215 -15.39 4.76 11.53
N GLN A 216 -14.67 5.58 10.77
CA GLN A 216 -15.27 6.74 10.14
C GLN A 216 -15.72 6.54 8.69
N TRP A 217 -14.94 5.79 7.90
CA TRP A 217 -15.30 5.58 6.50
C TRP A 217 -15.65 4.15 6.13
N GLY A 218 -15.53 3.23 7.08
CA GLY A 218 -15.82 1.84 6.81
C GLY A 218 -17.19 1.61 6.20
N ASP A 219 -17.22 0.90 5.07
CA ASP A 219 -18.48 0.60 4.40
C ASP A 219 -18.71 -0.91 4.34
N SER A 220 -19.77 -1.33 3.67
CA SER A 220 -20.10 -2.75 3.59
C SER A 220 -19.04 -3.58 2.85
N ARG A 221 -18.29 -2.95 1.95
CA ARG A 221 -17.26 -3.66 1.18
C ARG A 221 -16.00 -3.90 2.01
N HIS A 222 -15.93 -3.27 3.18
CA HIS A 222 -14.79 -3.40 4.07
C HIS A 222 -15.03 -4.44 5.16
N TYR A 223 -14.06 -5.33 5.35
CA TYR A 223 -14.21 -6.39 6.35
C TYR A 223 -13.12 -6.39 7.41
N ARG A 224 -13.56 -6.31 8.66
CA ARG A 224 -12.69 -6.31 9.83
C ARG A 224 -12.44 -7.77 10.23
N ALA A 225 -11.29 -8.31 9.85
CA ALA A 225 -10.98 -9.70 10.16
C ALA A 225 -10.65 -10.01 11.61
N GLN A 226 -10.98 -11.23 12.04
CA GLN A 226 -10.69 -11.68 13.40
C GLN A 226 -9.25 -12.18 13.44
N SER A 227 -8.84 -12.75 12.31
CA SER A 227 -7.50 -13.29 12.18
C SER A 227 -6.50 -12.19 11.89
N SER A 228 -5.25 -12.43 12.26
CA SER A 228 -4.21 -11.44 12.03
C SER A 228 -3.30 -11.95 10.90
N HIS A 229 -2.51 -11.04 10.34
CA HIS A 229 -1.57 -11.39 9.28
C HIS A 229 -2.24 -12.13 8.14
N ALA A 230 -1.53 -13.08 7.54
CA ALA A 230 -2.04 -13.85 6.41
C ALA A 230 -3.38 -14.55 6.65
N GLY A 231 -3.64 -14.90 7.91
CA GLY A 231 -4.89 -15.57 8.22
C GLY A 231 -6.09 -14.69 7.87
N ALA A 232 -5.91 -13.37 7.94
CA ALA A 232 -7.00 -12.44 7.63
C ALA A 232 -7.34 -12.52 6.13
N ILE A 233 -6.35 -12.85 5.32
CA ILE A 233 -6.57 -12.94 3.88
C ILE A 233 -7.43 -14.16 3.55
N LEU A 234 -7.14 -15.31 4.16
CA LEU A 234 -7.93 -16.50 3.92
C LEU A 234 -9.34 -16.25 4.43
N GLU A 235 -9.43 -15.65 5.61
CA GLU A 235 -10.71 -15.33 6.20
C GLU A 235 -11.54 -14.44 5.28
N ALA A 236 -10.88 -13.44 4.69
CA ALA A 236 -11.57 -12.51 3.79
C ALA A 236 -12.03 -13.20 2.50
N ILE A 237 -11.18 -14.07 1.97
CA ILE A 237 -11.52 -14.79 0.75
C ILE A 237 -12.80 -15.59 0.96
N ALA A 238 -12.92 -16.20 2.13
CA ALA A 238 -14.10 -16.99 2.47
C ALA A 238 -15.30 -16.06 2.68
N HIS A 239 -15.06 -14.95 3.37
CA HIS A 239 -16.10 -13.98 3.65
C HIS A 239 -16.76 -13.44 2.38
N PHE A 240 -15.93 -12.99 1.44
CA PHE A 240 -16.43 -12.43 0.20
C PHE A 240 -16.75 -13.50 -0.85
N ASP A 241 -16.59 -14.77 -0.46
CA ASP A 241 -16.85 -15.90 -1.35
C ASP A 241 -16.06 -15.85 -2.65
N PHE A 242 -14.78 -15.52 -2.57
CA PHE A 242 -13.94 -15.47 -3.76
C PHE A 242 -13.43 -16.87 -4.04
N LEU A 243 -13.06 -17.11 -5.29
CA LEU A 243 -12.55 -18.41 -5.69
C LEU A 243 -13.52 -19.53 -5.30
N SER A 244 -14.80 -19.27 -5.55
CA SER A 244 -15.87 -20.21 -5.24
C SER A 244 -15.55 -21.62 -5.73
C2 BGC B . 10.24 -2.59 6.68
C3 BGC B . 10.09 -1.13 6.21
C4 BGC B . 8.64 -0.79 5.80
C5 BGC B . 7.73 -1.12 7.03
C6 BGC B . 6.23 -0.86 6.85
C1 BGC B . 9.19 -3.00 7.77
O1 BGC B . 9.55 -2.35 8.91
O2 BGC B . 11.56 -2.75 7.21
O3 BGC B . 10.95 -0.88 5.10
O4 BGC B . 8.11 -0.18 4.57
O5 BGC B . 7.86 -2.53 7.42
O6 BGC B . 5.66 -1.65 5.81
C2 BGC B . 9.10 1.95 3.90
C3 BGC B . 9.15 3.42 4.35
C4 BGC B . 7.72 3.96 4.33
C5 BGC B . 6.83 3.15 5.27
C6 BGC B . 5.37 3.60 5.27
C1 BGC B . 8.20 1.18 4.90
O2 BGC B . 10.42 1.39 3.91
O3 BGC B . 9.97 4.16 3.45
O4 BGC B . 7.72 5.32 4.75
O5 BGC B . 6.84 1.74 4.91
O6 BGC B . 4.84 3.68 3.95
MG MG C . 0.77 -0.99 5.67
#